data_3OP3
#
_entry.id   3OP3
#
_cell.length_a   96.187
_cell.length_b   96.187
_cell.length_c   61.188
_cell.angle_alpha   90.00
_cell.angle_beta   90.00
_cell.angle_gamma   120.00
#
_symmetry.space_group_name_H-M   'P 31 2 1'
#
loop_
_entity.id
_entity.type
_entity.pdbx_description
1 polymer 'M-phase inducer phosphatase 3'
2 non-polymer 'SULFATE ION'
3 water water
#
_entity_poly.entity_id   1
_entity_poly.type   'polypeptide(L)'
_entity_poly.pdbx_seq_one_letter_code
;MHHHHHHSSGVDLGTENLYFQSMTQMLEEDSNQGHLIGDFSKVCALPTVSGKHQDLKYVNPETVAALLSGKFQGLIEKFY
VIDCRYPYEYLGGHIQGALNLYSQEELFNFFLKKPIVPLDTQKRIIIVFHCEFSSERGPRMCRCLREEDRSLNQYPALYY
PELYILKGGYRDFFPEYMELCEPQSYCPMHHQDHKTELLRCRSQSKVQEGERQLRE
;
_entity_poly.pdbx_strand_id   A
#
# COMPACT_ATOMS: atom_id res chain seq x y z
N GLY A 34 0.27 -1.15 -20.05
CA GLY A 34 0.44 -1.17 -18.60
C GLY A 34 -0.83 -0.87 -17.83
N HIS A 35 -1.82 -1.79 -17.91
CA HIS A 35 -3.13 -1.68 -17.26
C HIS A 35 -3.68 -3.02 -16.76
N LEU A 36 -3.17 -4.13 -17.30
CA LEU A 36 -3.60 -5.45 -16.88
C LEU A 36 -2.96 -5.82 -15.53
N ILE A 37 -3.67 -6.61 -14.72
CA ILE A 37 -3.19 -7.06 -13.40
C ILE A 37 -2.17 -8.21 -13.57
N GLY A 38 -1.34 -8.47 -12.55
CA GLY A 38 -0.29 -9.48 -12.57
C GLY A 38 -0.56 -10.80 -13.27
N ASP A 39 -1.83 -11.31 -13.25
CA ASP A 39 -2.26 -12.55 -13.89
C ASP A 39 -2.89 -12.38 -15.29
N PHE A 40 -2.89 -11.12 -15.79
CA PHE A 40 -3.38 -10.67 -17.10
C PHE A 40 -4.89 -10.87 -17.35
N SER A 41 -5.58 -11.51 -16.39
CA SER A 41 -7.01 -11.83 -16.43
C SER A 41 -7.92 -10.58 -16.49
N LYS A 42 -7.55 -9.51 -15.77
CA LYS A 42 -8.32 -8.26 -15.67
C LYS A 42 -7.49 -7.04 -16.02
N VAL A 43 -8.11 -5.87 -15.86
CA VAL A 43 -7.54 -4.53 -15.99
C VAL A 43 -7.47 -4.00 -14.53
N CYS A 44 -6.64 -2.96 -14.28
CA CYS A 44 -6.50 -2.30 -12.99
C CYS A 44 -7.86 -1.75 -12.55
N ALA A 45 -8.21 -1.92 -11.28
CA ALA A 45 -9.47 -1.41 -10.74
C ALA A 45 -9.33 0.06 -10.30
N LEU A 46 -8.15 0.41 -9.76
CA LEU A 46 -7.85 1.75 -9.27
C LEU A 46 -7.30 2.64 -10.36
N PRO A 47 -7.82 3.90 -10.45
CA PRO A 47 -7.25 4.86 -11.39
C PRO A 47 -5.78 5.03 -11.06
N THR A 48 -4.92 4.47 -11.92
CA THR A 48 -3.48 4.52 -11.68
C THR A 48 -2.92 5.80 -12.28
N VAL A 49 -1.80 6.27 -11.75
CA VAL A 49 -1.08 7.48 -12.21
C VAL A 49 0.40 7.07 -12.49
N SER A 50 1.29 8.03 -12.83
CA SER A 50 2.70 7.76 -13.16
C SER A 50 3.61 7.87 -11.93
N GLY A 51 4.78 7.22 -12.02
CA GLY A 51 5.79 7.21 -10.97
C GLY A 51 7.16 6.71 -11.39
N LYS A 52 8.19 6.94 -10.53
CA LYS A 52 9.62 6.65 -10.70
C LYS A 52 9.94 5.43 -11.56
N HIS A 53 9.50 4.23 -11.11
CA HIS A 53 9.70 2.96 -11.79
C HIS A 53 8.44 2.72 -12.67
N GLN A 54 8.64 2.32 -13.95
CA GLN A 54 7.56 2.06 -14.90
C GLN A 54 6.90 0.68 -14.71
N ASP A 55 7.62 -0.25 -14.04
CA ASP A 55 7.17 -1.61 -13.74
C ASP A 55 6.11 -1.64 -12.63
N LEU A 56 6.07 -0.59 -11.76
CA LEU A 56 5.13 -0.46 -10.64
C LEU A 56 3.93 0.38 -11.02
N LYS A 57 2.74 0.05 -10.44
CA LYS A 57 1.48 0.74 -10.70
C LYS A 57 1.03 1.67 -9.57
N TYR A 58 1.47 2.95 -9.64
CA TYR A 58 1.24 4.08 -8.71
C TYR A 58 -0.18 4.60 -8.58
N VAL A 59 -0.53 5.10 -7.41
CA VAL A 59 -1.84 5.62 -7.08
C VAL A 59 -1.65 6.96 -6.33
N ASN A 60 -2.74 7.73 -6.15
CA ASN A 60 -2.70 9.03 -5.51
C ASN A 60 -3.62 9.12 -4.27
N PRO A 61 -3.33 10.08 -3.33
CA PRO A 61 -4.17 10.22 -2.12
C PRO A 61 -5.70 10.17 -2.28
N GLU A 62 -6.22 10.76 -3.37
CA GLU A 62 -7.65 10.83 -3.69
C GLU A 62 -8.32 9.46 -3.76
N THR A 63 -7.70 8.51 -4.47
CA THR A 63 -8.20 7.15 -4.67
C THR A 63 -8.18 6.33 -3.37
N VAL A 64 -7.12 6.52 -2.54
CA VAL A 64 -6.98 5.88 -1.22
C VAL A 64 -8.14 6.42 -0.35
N ALA A 65 -8.34 7.76 -0.39
CA ALA A 65 -9.45 8.43 0.30
C ALA A 65 -10.79 7.83 -0.15
N ALA A 66 -10.96 7.60 -1.47
CA ALA A 66 -12.14 6.99 -2.07
C ALA A 66 -12.37 5.56 -1.57
N LEU A 67 -11.30 4.73 -1.55
CA LEU A 67 -11.32 3.34 -1.13
C LEU A 67 -11.87 3.21 0.28
N LEU A 68 -11.35 4.08 1.18
CA LEU A 68 -11.64 4.13 2.61
C LEU A 68 -13.07 4.43 2.96
N SER A 69 -13.76 5.24 2.12
CA SER A 69 -15.15 5.67 2.26
C SER A 69 -16.15 4.64 1.71
N GLY A 70 -15.63 3.53 1.21
CA GLY A 70 -16.41 2.43 0.64
C GLY A 70 -16.85 2.64 -0.80
N LYS A 71 -16.12 3.51 -1.55
CA LYS A 71 -16.42 3.85 -2.96
C LYS A 71 -16.33 2.68 -3.98
N PHE A 72 -15.70 1.52 -3.62
CA PHE A 72 -15.52 0.42 -4.55
C PHE A 72 -16.20 -0.92 -4.25
N GLN A 73 -17.16 -0.97 -3.29
CA GLN A 73 -17.91 -2.19 -2.92
C GLN A 73 -18.69 -2.82 -4.12
N GLY A 74 -18.47 -4.10 -4.40
CA GLY A 74 -19.12 -4.76 -5.54
C GLY A 74 -18.13 -4.97 -6.66
N LEU A 75 -17.00 -4.23 -6.59
CA LEU A 75 -15.85 -4.26 -7.47
C LEU A 75 -14.62 -4.82 -6.67
N ILE A 76 -14.28 -4.17 -5.52
CA ILE A 76 -13.16 -4.55 -4.61
C ILE A 76 -13.73 -5.03 -3.24
N GLU A 77 -13.58 -6.31 -2.93
CA GLU A 77 -14.09 -6.89 -1.68
C GLU A 77 -13.20 -6.54 -0.48
N LYS A 78 -11.87 -6.76 -0.60
CA LYS A 78 -10.89 -6.47 0.46
C LYS A 78 -9.77 -5.59 -0.06
N PHE A 79 -9.23 -4.74 0.81
CA PHE A 79 -8.10 -3.87 0.46
C PHE A 79 -7.19 -3.64 1.65
N TYR A 80 -5.87 -3.51 1.40
CA TYR A 80 -4.91 -3.32 2.47
C TYR A 80 -3.95 -2.19 2.18
N VAL A 81 -3.85 -1.24 3.14
CA VAL A 81 -2.88 -0.16 3.06
C VAL A 81 -1.75 -0.67 3.90
N ILE A 82 -0.54 -0.79 3.33
CA ILE A 82 0.60 -1.35 4.03
C ILE A 82 1.64 -0.27 4.22
N ASP A 83 1.80 0.20 5.47
CA ASP A 83 2.77 1.21 5.87
C ASP A 83 4.08 0.47 6.12
N CYS A 84 5.09 0.70 5.24
CA CYS A 84 6.40 0.02 5.33
C CYS A 84 7.36 0.75 6.20
N ARG A 85 6.93 1.85 6.83
CA ARG A 85 7.84 2.60 7.69
C ARG A 85 8.08 1.88 9.01
N TYR A 86 8.98 2.41 9.82
CA TYR A 86 9.28 1.78 11.08
C TYR A 86 8.18 2.10 12.08
N PRO A 87 7.91 1.22 13.08
CA PRO A 87 6.82 1.49 14.01
C PRO A 87 6.74 2.93 14.54
N TYR A 88 7.86 3.50 15.03
CA TYR A 88 7.85 4.88 15.55
C TYR A 88 7.27 5.88 14.55
N GLU A 89 7.53 5.70 13.23
CA GLU A 89 6.97 6.60 12.20
C GLU A 89 5.48 6.31 12.07
N TYR A 90 5.11 4.99 12.02
CA TYR A 90 3.74 4.53 11.92
C TYR A 90 2.87 5.00 13.11
N LEU A 91 3.38 4.89 14.35
CA LEU A 91 2.67 5.28 15.57
C LEU A 91 2.49 6.76 15.72
N GLY A 92 3.30 7.52 14.98
CA GLY A 92 3.34 8.97 15.01
C GLY A 92 2.40 9.60 14.03
N GLY A 93 1.64 8.75 13.34
CA GLY A 93 0.65 9.20 12.37
C GLY A 93 0.63 8.28 11.18
N HIS A 94 -0.50 7.58 11.00
CA HIS A 94 -0.71 6.68 9.87
C HIS A 94 -2.10 6.83 9.24
N ILE A 95 -2.25 6.32 7.98
CA ILE A 95 -3.54 6.28 7.30
C ILE A 95 -4.42 5.35 8.14
N GLN A 96 -5.65 5.78 8.44
CA GLN A 96 -6.60 5.01 9.24
C GLN A 96 -6.78 3.60 8.64
N GLY A 97 -6.54 2.56 9.47
CA GLY A 97 -6.70 1.16 9.07
C GLY A 97 -5.51 0.47 8.44
N ALA A 98 -4.41 1.22 8.18
CA ALA A 98 -3.17 0.77 7.57
C ALA A 98 -2.42 -0.17 8.47
N LEU A 99 -1.80 -1.18 7.87
CA LEU A 99 -1.06 -2.16 8.63
C LEU A 99 0.40 -1.84 8.60
N ASN A 100 1.08 -1.99 9.73
CA ASN A 100 2.49 -1.69 9.77
C ASN A 100 3.36 -2.93 9.50
N LEU A 101 3.52 -3.31 8.22
CA LEU A 101 4.38 -4.44 7.84
C LEU A 101 5.64 -3.87 7.18
N TYR A 102 6.77 -3.91 7.88
CA TYR A 102 8.02 -3.30 7.42
C TYR A 102 9.20 -4.26 7.16
N SER A 103 8.95 -5.57 7.21
CA SER A 103 9.96 -6.56 6.91
C SER A 103 9.36 -7.58 5.97
N GLN A 104 10.21 -8.30 5.23
CA GLN A 104 9.83 -9.33 4.27
C GLN A 104 9.11 -10.49 4.96
N GLU A 105 9.67 -11.01 6.07
CA GLU A 105 9.11 -12.12 6.86
C GLU A 105 7.68 -11.79 7.33
N GLU A 106 7.47 -10.59 7.89
CA GLU A 106 6.18 -10.09 8.36
C GLU A 106 5.17 -10.07 7.20
N LEU A 107 5.60 -9.60 6.05
CA LEU A 107 4.81 -9.48 4.84
C LEU A 107 4.42 -10.86 4.29
N PHE A 108 5.33 -11.80 4.28
CA PHE A 108 5.07 -13.17 3.83
C PHE A 108 4.05 -13.83 4.79
N ASN A 109 4.22 -13.64 6.12
CA ASN A 109 3.33 -14.25 7.12
C ASN A 109 1.94 -13.64 7.10
N PHE A 110 1.81 -12.40 6.66
CA PHE A 110 0.52 -11.76 6.65
C PHE A 110 -0.33 -12.15 5.45
N PHE A 111 0.31 -12.16 4.26
CA PHE A 111 -0.28 -12.36 2.94
C PHE A 111 -0.10 -13.73 2.34
N LEU A 112 1.08 -14.38 2.45
CA LEU A 112 1.28 -15.66 1.77
C LEU A 112 1.20 -16.95 2.56
N LYS A 113 1.39 -16.90 3.87
CA LYS A 113 1.32 -18.12 4.70
C LYS A 113 -0.09 -18.73 4.51
N LYS A 114 -1.14 -17.89 4.58
CA LYS A 114 -2.54 -18.25 4.34
C LYS A 114 -3.06 -17.22 3.36
N PRO A 115 -2.98 -17.43 2.03
CA PRO A 115 -3.49 -16.41 1.09
C PRO A 115 -4.94 -15.98 1.34
N ILE A 116 -5.22 -14.66 1.18
CA ILE A 116 -6.58 -14.14 1.34
C ILE A 116 -7.32 -14.44 0.04
N VAL A 117 -8.50 -15.07 0.13
CA VAL A 117 -9.29 -15.36 -1.08
C VAL A 117 -10.63 -14.60 -1.02
N PRO A 118 -11.10 -13.96 -2.11
CA PRO A 118 -12.38 -13.22 -2.02
C PRO A 118 -13.58 -14.14 -1.95
N LEU A 119 -14.58 -13.79 -1.09
CA LEU A 119 -15.84 -14.52 -0.92
C LEU A 119 -16.61 -14.51 -2.27
N ASP A 120 -16.66 -13.33 -2.93
CA ASP A 120 -17.22 -13.13 -4.26
C ASP A 120 -16.05 -12.95 -5.24
N THR A 121 -15.73 -14.04 -5.98
CA THR A 121 -14.64 -14.12 -6.96
C THR A 121 -14.72 -13.08 -8.12
N GLN A 122 -15.93 -12.50 -8.34
CA GLN A 122 -16.17 -11.45 -9.33
C GLN A 122 -15.52 -10.15 -8.81
N LYS A 123 -15.45 -10.01 -7.45
CA LYS A 123 -14.79 -8.89 -6.76
C LYS A 123 -13.31 -9.23 -6.55
N ARG A 124 -12.49 -8.19 -6.30
CA ARG A 124 -11.04 -8.29 -6.17
C ARG A 124 -10.51 -8.05 -4.74
N ILE A 125 -9.20 -8.39 -4.52
CA ILE A 125 -8.44 -8.13 -3.28
C ILE A 125 -7.22 -7.28 -3.65
N ILE A 126 -7.16 -6.02 -3.18
CA ILE A 126 -6.04 -5.15 -3.55
C ILE A 126 -5.09 -4.78 -2.39
N ILE A 127 -3.83 -4.39 -2.74
CA ILE A 127 -2.81 -3.97 -1.78
C ILE A 127 -2.13 -2.66 -2.22
N VAL A 128 -2.25 -1.64 -1.37
CA VAL A 128 -1.63 -0.33 -1.55
C VAL A 128 -0.46 -0.19 -0.56
N PHE A 129 0.77 -0.14 -1.08
CA PHE A 129 1.96 0.02 -0.27
C PHE A 129 2.33 1.47 -0.20
N HIS A 130 3.02 1.87 0.88
CA HIS A 130 3.55 3.21 1.06
C HIS A 130 4.67 3.32 2.10
N CYS A 131 5.47 4.34 1.92
N CYS A 131 5.44 4.37 1.94
CA CYS A 131 6.52 4.76 2.85
CA CYS A 131 6.47 4.77 2.88
C CYS A 131 6.32 6.30 3.20
C CYS A 131 6.30 6.31 3.22
N GLU A 132 7.38 7.00 3.65
CA GLU A 132 7.32 8.42 4.04
C GLU A 132 7.06 9.34 2.84
N PHE A 133 7.85 9.16 1.74
CA PHE A 133 7.81 9.95 0.50
C PHE A 133 8.53 9.25 -0.67
N GLU A 136 13.10 3.42 -1.78
CA GLU A 136 14.20 2.60 -1.28
C GLU A 136 13.68 1.32 -0.63
N ARG A 137 12.99 1.48 0.51
CA ARG A 137 12.41 0.43 1.35
C ARG A 137 10.97 0.06 0.95
N GLY A 138 10.19 1.05 0.49
CA GLY A 138 8.81 0.88 0.06
C GLY A 138 8.60 0.10 -1.23
N PRO A 139 9.26 0.45 -2.36
CA PRO A 139 9.00 -0.31 -3.60
C PRO A 139 9.59 -1.71 -3.56
N ARG A 140 10.66 -1.94 -2.75
CA ARG A 140 11.29 -3.25 -2.62
C ARG A 140 10.38 -4.29 -1.95
N MET A 141 9.47 -3.83 -1.06
CA MET A 141 8.43 -4.63 -0.39
C MET A 141 7.42 -5.11 -1.42
N CYS A 142 7.04 -4.22 -2.36
CA CYS A 142 6.12 -4.49 -3.47
C CYS A 142 6.74 -5.55 -4.38
N ARG A 143 8.04 -5.37 -4.67
CA ARG A 143 8.77 -6.31 -5.49
C ARG A 143 8.88 -7.67 -4.78
N CYS A 144 9.27 -7.66 -3.48
CA CYS A 144 9.40 -8.85 -2.63
C CYS A 144 8.14 -9.69 -2.64
N LEU A 145 6.96 -9.11 -2.26
CA LEU A 145 5.68 -9.81 -2.26
C LEU A 145 5.39 -10.49 -3.59
N ARG A 146 5.61 -9.77 -4.69
CA ARG A 146 5.43 -10.27 -6.04
C ARG A 146 6.41 -11.42 -6.41
N GLU A 147 7.72 -11.27 -6.10
CA GLU A 147 8.71 -12.33 -6.38
C GLU A 147 8.29 -13.63 -5.63
N GLU A 148 7.94 -13.50 -4.34
CA GLU A 148 7.47 -14.58 -3.48
C GLU A 148 6.19 -15.20 -4.04
N ASP A 149 5.20 -14.37 -4.41
CA ASP A 149 3.95 -14.85 -5.01
C ASP A 149 4.17 -15.65 -6.32
N ARG A 150 5.15 -15.21 -7.15
CA ARG A 150 5.45 -15.90 -8.40
C ARG A 150 6.09 -17.25 -8.14
N SER A 151 7.02 -17.33 -7.16
CA SER A 151 7.68 -18.59 -6.86
C SER A 151 6.75 -19.70 -6.29
N LEU A 152 5.56 -19.30 -5.78
CA LEU A 152 4.57 -20.19 -5.17
C LEU A 152 3.51 -20.64 -6.14
N ASN A 153 3.49 -20.04 -7.32
CA ASN A 153 2.46 -20.32 -8.31
C ASN A 153 3.01 -20.77 -9.64
N GLN A 154 2.11 -21.30 -10.49
CA GLN A 154 2.51 -21.63 -11.86
C GLN A 154 2.04 -20.46 -12.71
N TYR A 155 3.00 -19.79 -13.39
CA TYR A 155 2.81 -18.58 -14.22
C TYR A 155 1.58 -18.68 -15.13
N PRO A 156 0.79 -17.59 -15.27
CA PRO A 156 0.94 -16.25 -14.71
C PRO A 156 0.10 -16.04 -13.44
N ALA A 157 -0.36 -17.13 -12.78
CA ALA A 157 -1.22 -17.05 -11.59
C ALA A 157 -0.54 -16.43 -10.37
N LEU A 158 -1.31 -15.66 -9.58
CA LEU A 158 -0.85 -14.98 -8.39
C LEU A 158 -1.96 -14.95 -7.31
N TYR A 159 -1.59 -14.94 -6.00
CA TYR A 159 -2.55 -14.80 -4.91
C TYR A 159 -2.91 -13.31 -4.81
N TYR A 160 -1.99 -12.44 -5.30
CA TYR A 160 -2.10 -10.98 -5.27
C TYR A 160 -1.71 -10.34 -6.60
N PRO A 161 -2.61 -10.35 -7.61
CA PRO A 161 -2.25 -9.72 -8.90
C PRO A 161 -2.28 -8.20 -8.87
N GLU A 162 -3.09 -7.61 -7.97
CA GLU A 162 -3.22 -6.15 -7.87
C GLU A 162 -2.39 -5.50 -6.75
N LEU A 163 -1.24 -4.92 -7.11
CA LEU A 163 -0.40 -4.21 -6.16
C LEU A 163 -0.18 -2.78 -6.62
N TYR A 164 -0.40 -1.84 -5.69
CA TYR A 164 -0.23 -0.41 -5.96
C TYR A 164 0.72 0.22 -4.96
N ILE A 165 1.30 1.38 -5.35
CA ILE A 165 2.17 2.20 -4.50
C ILE A 165 1.54 3.59 -4.40
N LEU A 166 1.40 4.13 -3.17
CA LEU A 166 0.85 5.48 -2.99
C LEU A 166 1.95 6.49 -3.32
N LYS A 167 1.77 7.29 -4.41
CA LYS A 167 2.78 8.27 -4.87
C LYS A 167 3.00 9.36 -3.80
N GLY A 168 4.27 9.58 -3.46
CA GLY A 168 4.65 10.57 -2.45
C GLY A 168 4.50 10.18 -0.99
N GLY A 169 4.00 8.97 -0.76
CA GLY A 169 3.79 8.40 0.56
C GLY A 169 2.90 9.16 1.51
N TYR A 170 3.24 9.08 2.79
CA TYR A 170 2.47 9.68 3.86
C TYR A 170 2.63 11.20 3.87
N ARG A 171 3.80 11.69 3.43
CA ARG A 171 4.17 13.10 3.33
C ARG A 171 3.24 13.86 2.41
N ASP A 172 2.64 13.17 1.44
CA ASP A 172 1.72 13.79 0.47
C ASP A 172 0.28 13.50 0.77
N PHE A 173 0.01 12.50 1.58
CA PHE A 173 -1.36 12.14 1.92
C PHE A 173 -1.80 12.95 3.13
N PHE A 174 -1.01 12.92 4.23
CA PHE A 174 -1.28 13.64 5.48
C PHE A 174 -1.75 15.07 5.24
N PRO A 175 -1.00 15.96 4.50
CA PRO A 175 -1.48 17.33 4.31
C PRO A 175 -2.81 17.44 3.57
N GLU A 176 -3.11 16.48 2.70
CA GLU A 176 -4.34 16.55 1.92
C GLU A 176 -5.56 15.92 2.64
N TYR A 177 -5.33 14.88 3.48
CA TYR A 177 -6.42 14.18 4.17
C TYR A 177 -6.13 13.92 5.65
N MET A 178 -5.86 14.98 6.42
CA MET A 178 -5.57 14.83 7.85
C MET A 178 -6.64 14.03 8.59
N GLU A 179 -7.94 14.32 8.37
CA GLU A 179 -9.05 13.64 9.04
C GLU A 179 -9.11 12.12 8.79
N LEU A 180 -8.32 11.64 7.81
CA LEU A 180 -8.19 10.25 7.42
C LEU A 180 -6.92 9.59 7.98
N CYS A 181 -6.13 10.35 8.78
CA CYS A 181 -4.90 9.95 9.45
C CYS A 181 -5.14 9.72 10.94
N GLU A 182 -4.37 8.80 11.55
CA GLU A 182 -4.53 8.43 12.96
C GLU A 182 -3.20 8.07 13.66
N PRO A 183 -2.71 8.88 14.62
CA PRO A 183 -3.24 10.19 15.06
C PRO A 183 -3.11 11.21 13.93
N GLN A 184 -3.67 12.41 14.11
CA GLN A 184 -3.60 13.45 13.08
C GLN A 184 -2.28 14.21 13.17
N SER A 185 -1.20 13.47 13.00
CA SER A 185 0.17 13.98 13.07
C SER A 185 1.02 13.27 12.03
N TYR A 186 2.26 13.70 11.90
CA TYR A 186 3.21 13.11 10.98
C TYR A 186 4.56 13.04 11.67
N CYS A 187 5.10 11.84 11.77
CA CYS A 187 6.40 11.62 12.38
C CYS A 187 7.38 11.29 11.27
N PRO A 188 8.22 12.26 10.89
CA PRO A 188 9.25 11.98 9.88
C PRO A 188 10.25 10.93 10.34
N MET A 189 10.94 10.35 9.37
CA MET A 189 11.96 9.38 9.66
C MET A 189 13.08 10.05 10.44
N HIS A 190 13.66 9.32 11.36
CA HIS A 190 14.78 9.83 12.13
C HIS A 190 16.05 9.65 11.27
N HIS A 191 16.92 10.67 11.29
CA HIS A 191 18.21 10.61 10.61
C HIS A 191 19.27 10.86 11.63
N GLN A 192 20.27 10.00 11.59
CA GLN A 192 21.46 10.01 12.43
C GLN A 192 22.20 11.36 12.28
N ASP A 193 22.25 11.90 11.02
CA ASP A 193 22.91 13.13 10.61
C ASP A 193 22.13 14.44 10.85
N HIS A 194 20.80 14.43 10.61
CA HIS A 194 19.98 15.62 10.81
C HIS A 194 18.72 15.37 11.66
N LYS A 195 18.44 16.31 12.59
CA LYS A 195 17.29 16.26 13.48
C LYS A 195 16.01 16.60 12.74
N THR A 196 14.93 15.92 13.13
CA THR A 196 13.55 16.06 12.64
C THR A 196 12.65 15.97 13.92
N GLU A 197 11.33 16.18 13.75
CA GLU A 197 10.30 16.10 14.79
C GLU A 197 8.89 16.12 14.25
N LEU A 198 7.92 15.62 15.08
CA LEU A 198 6.50 15.44 14.83
C LEU A 198 5.78 16.69 14.35
N LEU A 199 5.14 16.64 13.18
CA LEU A 199 4.42 17.78 12.65
C LEU A 199 2.94 17.60 12.98
N ARG A 200 2.23 18.67 13.34
CA ARG A 200 0.81 18.67 13.67
C ARG A 200 0.20 20.06 13.58
N CYS A 201 -1.11 20.23 13.93
CA CYS A 201 -1.84 21.51 13.97
C CYS A 201 -3.08 21.52 14.90
N ARG A 202 -3.86 22.66 14.92
CA ARG A 202 -5.12 22.86 15.70
C ARG A 202 -6.22 23.55 14.86
#